data_7WPT
#
_entry.id   7WPT
#
_cell.length_a   60.993
_cell.length_b   76.536
_cell.length_c   118.642
_cell.angle_alpha   90.000
_cell.angle_beta   90.000
_cell.angle_gamma   90.000
#
_symmetry.space_group_name_H-M   'P 21 21 21'
#
loop_
_entity.id
_entity.type
_entity.pdbx_description
1 polymer 'Methionine--tRNA ligase'
2 non-polymer "ADENOSINE-5'-TRIPHOSPHATE"
3 non-polymer INDAN-2-AMINE
4 non-polymer 1,2-ETHANEDIOL
5 non-polymer GLYCEROL
6 water water
#
_entity_poly.entity_id   1
_entity_poly.type   'polypeptide(L)'
_entity_poly.pdbx_seq_one_letter_code
;MGSSHHHHHHSAKETFYITTPIYYPSGNLHIGHAYSTVAGDVIARYKRMQGYDVRYLTGTDEHGQKIQEKAQKAGKTEIE
YLDEMIAGIKQLWAKLEISNDDFIRTTEERHKHVVEQVFERLLKQGDIYLGEYEGWYSVPDETYYTESQLVDPQYENGKI
IGGKSPDSGHEVELVKEESYFFNISKYTDRLLEFYDQNPDFIQPPSRKNEMINNFIKPGLADLAVSRTSFNWGVHVPSNP
KHVVYVWIDALVNYISALGYLSDDESLFNKYWPADIHLMAKEIVRFHSIIWPILLMALDLPLPKKVFAHGWILMKDGKMS
KSKGNVVDPNILIDRYGLDATRYYLMRELPFGSDGVFTPEAFVERTNFDLANDLGNLVNRTISMVNKYFDGELPAYQGPL
HELDEEMEAMALETVKSYTESMESLQFSVALSTVWKFISRTNKYIDETTPWVLAKDDSQKDMLGNVMAHLVENIRYAAVL
LRPFLTHAPKEIFEQLNINNPQFMEFSSLEQYGVLNESIMVTGQPKPIFP
;
_entity_poly.pdbx_strand_id   A
#
loop_
_chem_comp.id
_chem_comp.type
_chem_comp.name
_chem_comp.formula
ATP non-polymer ADENOSINE-5'-TRIPHOSPHATE 'C10 H16 N5 O13 P3'
EDO non-polymer 1,2-ETHANEDIOL 'C2 H6 O2'
GOL non-polymer GLYCEROL 'C3 H8 O3'
XM0 non-polymer INDAN-2-AMINE 'C9 H11 N'
#
# COMPACT_ATOMS: atom_id res chain seq x y z
N SER A 11 6.82 20.13 17.36
CA SER A 11 8.12 19.38 17.48
C SER A 11 8.23 18.36 16.34
N ALA A 12 9.47 18.10 15.87
CA ALA A 12 9.77 17.31 14.65
C ALA A 12 9.06 15.96 14.72
N LYS A 13 8.33 15.61 13.65
CA LYS A 13 7.63 14.30 13.51
C LYS A 13 8.68 13.21 13.26
N GLU A 14 8.45 12.01 13.80
CA GLU A 14 9.23 10.79 13.47
C GLU A 14 9.04 10.51 11.97
N THR A 15 10.10 10.05 11.29
CA THR A 15 10.06 9.75 9.82
C THR A 15 9.60 8.31 9.61
N PHE A 16 8.84 8.08 8.54
CA PHE A 16 8.43 6.73 8.06
C PHE A 16 8.61 6.69 6.55
N TYR A 17 9.54 5.86 6.07
CA TYR A 17 9.86 5.69 4.63
C TYR A 17 9.33 4.33 4.15
N ILE A 18 8.38 4.38 3.21
CA ILE A 18 7.71 3.17 2.63
C ILE A 18 7.99 3.18 1.12
N THR A 19 8.39 2.04 0.57
CA THR A 19 8.62 1.84 -0.89
C THR A 19 7.76 0.68 -1.40
N THR A 20 7.31 0.77 -2.64
CA THR A 20 6.84 -0.38 -3.46
C THR A 20 8.03 -0.87 -4.27
N PRO A 21 7.93 -2.04 -4.96
CA PRO A 21 8.94 -2.42 -5.93
C PRO A 21 8.86 -1.46 -7.12
N ILE A 22 9.96 -1.27 -7.84
CA ILE A 22 9.91 -0.57 -9.15
C ILE A 22 9.43 -1.59 -10.19
N TYR A 23 8.33 -1.27 -10.89
CA TYR A 23 7.64 -2.20 -11.82
C TYR A 23 8.33 -2.13 -13.19
N TYR A 24 8.30 -3.23 -13.92
CA TYR A 24 8.93 -3.39 -15.26
C TYR A 24 7.92 -2.99 -16.34
N PRO A 25 8.10 -1.86 -17.05
CA PRO A 25 7.14 -1.43 -18.06
C PRO A 25 7.32 -2.11 -19.43
N SER A 26 7.35 -3.44 -19.44
CA SER A 26 7.40 -4.29 -20.66
C SER A 26 5.98 -4.54 -21.19
N GLY A 27 4.97 -4.08 -20.46
CA GLY A 27 3.54 -4.11 -20.85
C GLY A 27 2.73 -3.23 -19.93
N ASN A 28 1.40 -3.23 -20.07
CA ASN A 28 0.49 -2.49 -19.16
C ASN A 28 0.51 -3.17 -17.78
N LEU A 29 0.28 -2.38 -16.73
CA LEU A 29 0.17 -2.88 -15.35
C LEU A 29 -1.27 -3.36 -15.13
N HIS A 30 -1.43 -4.37 -14.28
CA HIS A 30 -2.73 -5.00 -13.92
C HIS A 30 -2.97 -4.82 -12.42
N ILE A 31 -4.01 -5.47 -11.87
CA ILE A 31 -4.49 -5.22 -10.47
C ILE A 31 -3.50 -5.82 -9.45
N GLY A 32 -2.60 -6.70 -9.88
CA GLY A 32 -1.46 -7.18 -9.07
C GLY A 32 -0.56 -6.01 -8.69
N HIS A 33 -0.13 -5.23 -9.68
CA HIS A 33 0.69 -3.99 -9.50
C HIS A 33 -0.10 -2.99 -8.66
N ALA A 34 -1.39 -2.81 -8.96
CA ALA A 34 -2.31 -1.90 -8.24
C ALA A 34 -2.41 -2.31 -6.77
N TYR A 35 -2.38 -3.61 -6.45
CA TYR A 35 -2.49 -4.08 -5.04
C TYR A 35 -1.33 -3.49 -4.24
N SER A 36 -0.09 -3.70 -4.71
CA SER A 36 1.16 -3.24 -4.04
C SER A 36 1.12 -1.73 -3.81
N THR A 37 0.75 -0.97 -4.83
CA THR A 37 0.78 0.52 -4.81
C THR A 37 -0.35 1.05 -3.92
N VAL A 38 -1.51 0.40 -3.92
CA VAL A 38 -2.67 0.79 -3.06
C VAL A 38 -2.35 0.42 -1.62
N ALA A 39 -1.77 -0.77 -1.39
CA ALA A 39 -1.31 -1.27 -0.07
C ALA A 39 -0.33 -0.25 0.54
N GLY A 40 0.68 0.14 -0.23
CA GLY A 40 1.67 1.18 0.15
C GLY A 40 0.99 2.51 0.44
N ASP A 41 0.02 2.90 -0.39
CA ASP A 41 -0.73 4.18 -0.24
C ASP A 41 -1.54 4.15 1.07
N VAL A 42 -2.16 3.01 1.39
CA VAL A 42 -2.99 2.85 2.63
C VAL A 42 -2.08 3.07 3.86
N ILE A 43 -0.91 2.44 3.88
CA ILE A 43 0.08 2.55 5.01
C ILE A 43 0.55 4.00 5.10
N ALA A 44 0.96 4.59 3.97
CA ALA A 44 1.43 5.99 3.89
C ALA A 44 0.36 6.91 4.50
N ARG A 45 -0.88 6.85 4.00
CA ARG A 45 -2.00 7.71 4.48
C ARG A 45 -2.24 7.48 5.97
N TYR A 46 -2.19 6.21 6.40
CA TYR A 46 -2.38 5.78 7.80
C TYR A 46 -1.30 6.44 8.67
N LYS A 47 -0.04 6.33 8.26
CA LYS A 47 1.14 6.86 9.01
C LYS A 47 1.06 8.39 9.10
N ARG A 48 0.62 9.06 8.05
CA ARG A 48 0.44 10.54 8.06
C ARG A 48 -0.63 10.89 9.10
N MET A 49 -1.73 10.13 9.12
CA MET A 49 -2.86 10.35 10.08
C MET A 49 -2.37 10.13 11.51
N GLN A 50 -1.38 9.25 11.72
CA GLN A 50 -0.79 8.98 13.05
C GLN A 50 0.19 10.10 13.43
N GLY A 51 0.59 10.94 12.47
CA GLY A 51 1.44 12.13 12.69
C GLY A 51 2.89 11.89 12.30
N TYR A 52 3.18 10.87 11.50
CA TYR A 52 4.54 10.60 10.98
C TYR A 52 4.85 11.51 9.80
N ASP A 53 6.14 11.75 9.61
CA ASP A 53 6.72 12.44 8.42
C ASP A 53 6.97 11.35 7.37
N VAL A 54 6.01 11.16 6.46
CA VAL A 54 5.98 10.01 5.52
C VAL A 54 6.69 10.38 4.23
N ARG A 55 7.52 9.47 3.71
CA ARG A 55 7.94 9.49 2.28
C ARG A 55 7.55 8.14 1.67
N TYR A 56 6.76 8.18 0.60
CA TYR A 56 6.26 7.00 -0.13
C TYR A 56 6.83 7.03 -1.55
N LEU A 57 7.64 6.03 -1.87
CA LEU A 57 8.32 5.91 -3.18
C LEU A 57 7.72 4.74 -3.96
N THR A 58 7.46 4.96 -5.25
CA THR A 58 7.27 3.91 -6.27
C THR A 58 8.12 4.30 -7.47
N GLY A 59 8.14 3.49 -8.52
CA GLY A 59 8.88 3.85 -9.74
C GLY A 59 8.89 2.74 -10.77
N THR A 60 9.81 2.83 -11.72
CA THR A 60 9.90 1.89 -12.87
C THR A 60 11.35 1.44 -13.06
N ASP A 61 11.51 0.14 -13.28
CA ASP A 61 12.76 -0.55 -13.68
C ASP A 61 12.81 -0.55 -15.20
N GLU A 62 13.64 0.30 -15.82
CA GLU A 62 13.48 0.64 -17.26
C GLU A 62 14.60 0.07 -18.13
N HIS A 63 15.59 -0.62 -17.56
CA HIS A 63 16.74 -1.17 -18.33
C HIS A 63 16.50 -2.67 -18.63
N GLY A 64 17.30 -3.26 -19.51
CA GLY A 64 17.25 -4.69 -19.83
C GLY A 64 16.94 -4.97 -21.28
N GLN A 65 17.34 -6.15 -21.76
CA GLN A 65 17.10 -6.69 -23.13
C GLN A 65 15.61 -6.55 -23.49
N LYS A 66 14.71 -6.89 -22.56
CA LYS A 66 13.24 -6.86 -22.74
C LYS A 66 12.81 -5.50 -23.29
N ILE A 67 13.12 -4.41 -22.57
CA ILE A 67 12.74 -3.02 -22.96
C ILE A 67 13.32 -2.73 -24.36
N GLN A 68 14.60 -3.08 -24.57
CA GLN A 68 15.31 -2.96 -25.87
C GLN A 68 14.44 -3.58 -26.96
N GLU A 69 14.11 -4.87 -26.80
CA GLU A 69 13.27 -5.67 -27.74
C GLU A 69 11.92 -4.97 -27.92
N LYS A 70 11.23 -4.59 -26.84
CA LYS A 70 9.87 -4.00 -26.87
C LYS A 70 9.85 -2.66 -27.60
N ALA A 71 10.98 -1.93 -27.64
CA ALA A 71 11.12 -0.64 -28.36
C ALA A 71 11.58 -0.90 -29.80
N GLN A 72 12.44 -1.90 -30.00
CA GLN A 72 12.96 -2.34 -31.33
C GLN A 72 11.80 -2.99 -32.11
N LYS A 73 10.98 -3.79 -31.42
CA LYS A 73 9.77 -4.47 -31.97
C LYS A 73 8.58 -3.50 -31.78
N ALA A 74 8.75 -2.31 -32.36
CA ALA A 74 7.88 -1.12 -32.35
C ALA A 74 8.71 -0.05 -33.06
N GLY A 75 8.21 1.18 -33.21
CA GLY A 75 8.89 2.19 -34.05
C GLY A 75 9.60 3.25 -33.24
N LYS A 76 10.38 2.88 -32.22
CA LYS A 76 10.93 3.90 -31.29
C LYS A 76 12.23 3.51 -30.59
N THR A 77 12.92 4.54 -30.11
CA THR A 77 14.07 4.49 -29.16
C THR A 77 13.52 4.06 -27.79
N GLU A 78 14.36 3.36 -27.01
CA GLU A 78 14.03 2.86 -25.66
C GLU A 78 13.38 3.99 -24.84
N ILE A 79 13.93 5.19 -24.89
CA ILE A 79 13.47 6.29 -23.98
C ILE A 79 12.14 6.86 -24.47
N GLU A 80 11.89 6.95 -25.79
CA GLU A 80 10.56 7.46 -26.25
C GLU A 80 9.50 6.40 -25.91
N TYR A 81 9.80 5.11 -26.09
CA TYR A 81 8.94 3.98 -25.65
C TYR A 81 8.68 4.08 -24.14
N LEU A 82 9.75 4.25 -23.34
CA LEU A 82 9.67 4.27 -21.85
C LEU A 82 8.89 5.51 -21.38
N ASP A 83 9.11 6.67 -22.00
CA ASP A 83 8.39 7.92 -21.65
C ASP A 83 6.89 7.71 -21.84
N GLU A 84 6.50 6.93 -22.86
CA GLU A 84 5.09 6.59 -23.19
C GLU A 84 4.48 5.70 -22.09
N MET A 85 5.15 4.59 -21.78
CA MET A 85 4.68 3.60 -20.78
C MET A 85 4.56 4.29 -19.41
N ILE A 86 5.58 5.05 -19.01
CA ILE A 86 5.63 5.70 -17.66
C ILE A 86 4.52 6.76 -17.58
N ALA A 87 4.25 7.48 -18.67
CA ALA A 87 3.12 8.43 -18.77
C ALA A 87 1.81 7.71 -18.41
N GLY A 88 1.62 6.51 -18.99
CA GLY A 88 0.46 5.64 -18.72
C GLY A 88 0.42 5.15 -17.28
N ILE A 89 1.59 4.85 -16.69
CA ILE A 89 1.70 4.34 -15.29
C ILE A 89 1.39 5.47 -14.31
N LYS A 90 1.94 6.67 -14.55
CA LYS A 90 1.71 7.86 -13.69
C LYS A 90 0.24 8.27 -13.77
N GLN A 91 -0.38 8.16 -14.95
CA GLN A 91 -1.83 8.41 -15.15
C GLN A 91 -2.63 7.42 -14.30
N LEU A 92 -2.23 6.15 -14.25
CA LEU A 92 -2.93 5.11 -13.45
C LEU A 92 -2.83 5.47 -11.95
N TRP A 93 -1.63 5.78 -11.44
CA TRP A 93 -1.41 6.14 -10.02
C TRP A 93 -2.23 7.40 -9.67
N ALA A 94 -2.25 8.38 -10.57
CA ALA A 94 -3.06 9.62 -10.46
C ALA A 94 -4.54 9.23 -10.32
N LYS A 95 -4.99 8.30 -11.17
CA LYS A 95 -6.39 7.80 -11.20
C LYS A 95 -6.71 7.04 -9.91
N LEU A 96 -5.74 6.32 -9.34
CA LEU A 96 -5.92 5.54 -8.08
C LEU A 96 -5.72 6.45 -6.85
N GLU A 97 -5.31 7.70 -7.06
CA GLU A 97 -5.06 8.72 -6.00
C GLU A 97 -3.98 8.18 -5.03
N ILE A 98 -2.94 7.59 -5.61
CA ILE A 98 -1.72 7.13 -4.89
C ILE A 98 -0.99 8.38 -4.38
N SER A 99 -0.64 8.42 -3.09
CA SER A 99 0.00 9.59 -2.44
C SER A 99 1.52 9.43 -2.39
N ASN A 100 2.12 8.90 -3.47
CA ASN A 100 3.59 8.74 -3.58
C ASN A 100 4.21 10.15 -3.62
N ASP A 101 5.30 10.35 -2.88
CA ASP A 101 5.98 11.66 -2.72
C ASP A 101 7.03 11.82 -3.81
N ASP A 102 7.37 10.73 -4.50
CA ASP A 102 8.38 10.70 -5.58
C ASP A 102 8.05 9.52 -6.50
N PHE A 103 8.59 9.56 -7.72
CA PHE A 103 8.51 8.49 -8.73
C PHE A 103 9.91 8.32 -9.32
N ILE A 104 10.62 7.27 -8.91
CA ILE A 104 12.01 7.02 -9.37
C ILE A 104 11.95 6.26 -10.70
N ARG A 105 12.72 6.73 -11.68
CA ARG A 105 12.97 6.05 -12.97
C ARG A 105 14.44 5.72 -13.03
N THR A 106 14.80 4.50 -13.44
CA THR A 106 16.21 4.04 -13.45
C THR A 106 16.96 4.68 -14.63
N THR A 107 16.25 5.32 -15.57
CA THR A 107 16.85 6.06 -16.71
C THR A 107 17.27 7.48 -16.30
N GLU A 108 16.86 7.98 -15.13
CA GLU A 108 17.24 9.37 -14.77
C GLU A 108 18.64 9.35 -14.13
N GLU A 109 19.32 10.50 -14.22
CA GLU A 109 20.78 10.63 -13.95
C GLU A 109 21.06 10.30 -12.48
N ARG A 110 20.18 10.72 -11.57
CA ARG A 110 20.37 10.52 -10.10
C ARG A 110 20.47 9.03 -9.79
N HIS A 111 19.78 8.16 -10.53
CA HIS A 111 19.83 6.70 -10.34
C HIS A 111 21.09 6.12 -11.01
N LYS A 112 21.32 6.44 -12.29
CA LYS A 112 22.45 5.89 -13.08
C LYS A 112 23.79 6.23 -12.41
N HIS A 113 23.91 7.45 -11.89
CA HIS A 113 25.09 7.91 -11.12
C HIS A 113 25.35 6.93 -9.96
N VAL A 114 24.32 6.57 -9.21
CA VAL A 114 24.44 5.68 -8.02
C VAL A 114 24.84 4.28 -8.49
N VAL A 115 24.28 3.80 -9.60
CA VAL A 115 24.59 2.43 -10.13
C VAL A 115 26.07 2.39 -10.48
N GLU A 116 26.57 3.39 -11.21
CA GLU A 116 28.01 3.48 -11.63
C GLU A 116 28.91 3.50 -10.38
N GLN A 117 28.62 4.35 -9.40
CA GLN A 117 29.51 4.61 -8.23
C GLN A 117 29.49 3.40 -7.29
N VAL A 118 28.31 2.80 -7.05
CA VAL A 118 28.18 1.59 -6.18
C VAL A 118 28.97 0.44 -6.83
N PHE A 119 28.81 0.23 -8.15
CA PHE A 119 29.50 -0.85 -8.88
C PHE A 119 31.02 -0.63 -8.83
N GLU A 120 31.46 0.60 -9.11
CA GLU A 120 32.91 0.97 -9.10
C GLU A 120 33.47 0.86 -7.67
N ARG A 121 32.69 1.21 -6.65
CA ARG A 121 33.13 1.14 -5.23
C ARG A 121 33.40 -0.32 -4.84
N LEU A 122 32.45 -1.22 -5.12
CA LEU A 122 32.56 -2.67 -4.83
C LEU A 122 33.71 -3.28 -5.65
N LEU A 123 33.93 -2.79 -6.87
CA LEU A 123 35.04 -3.19 -7.76
C LEU A 123 36.37 -2.89 -7.06
N LYS A 124 36.51 -1.64 -6.58
CA LYS A 124 37.76 -1.11 -5.97
C LYS A 124 38.01 -1.80 -4.61
N GLN A 125 36.94 -2.16 -3.89
CA GLN A 125 37.01 -2.89 -2.58
C GLN A 125 37.40 -4.35 -2.79
N GLY A 126 37.13 -4.90 -3.98
CA GLY A 126 37.38 -6.32 -4.32
C GLY A 126 36.18 -7.21 -4.06
N ASP A 127 35.02 -6.63 -3.73
CA ASP A 127 33.73 -7.36 -3.50
C ASP A 127 33.20 -7.89 -4.85
N ILE A 128 33.48 -7.19 -5.95
CA ILE A 128 33.14 -7.62 -7.34
C ILE A 128 34.44 -7.97 -8.07
N TYR A 129 34.46 -9.12 -8.75
CA TYR A 129 35.62 -9.60 -9.55
C TYR A 129 35.11 -10.20 -10.87
N LEU A 130 35.94 -10.15 -11.91
CA LEU A 130 35.57 -10.62 -13.27
C LEU A 130 35.73 -12.15 -13.34
N GLY A 131 34.77 -12.80 -14.01
CA GLY A 131 34.77 -14.25 -14.30
C GLY A 131 33.85 -14.56 -15.46
N GLU A 132 33.40 -15.82 -15.56
CA GLU A 132 32.46 -16.30 -16.60
C GLU A 132 31.26 -16.93 -15.92
N TYR A 133 30.04 -16.58 -16.35
CA TYR A 133 28.80 -17.26 -15.89
C TYR A 133 28.49 -18.43 -16.84
N GLU A 134 28.13 -19.57 -16.27
CA GLU A 134 27.69 -20.80 -16.99
C GLU A 134 26.39 -21.27 -16.36
N GLY A 135 25.25 -21.05 -17.05
CA GLY A 135 23.90 -21.29 -16.51
C GLY A 135 22.94 -21.84 -17.54
N TRP A 136 21.70 -22.12 -17.10
CA TRP A 136 20.60 -22.70 -17.92
C TRP A 136 19.33 -21.87 -17.73
N GLU A 173 17.95 -22.46 -21.96
CA GLU A 173 19.02 -23.12 -22.76
C GLU A 173 20.39 -22.79 -22.14
N LEU A 174 21.46 -23.39 -22.68
CA LEU A 174 22.87 -23.16 -22.26
C LEU A 174 23.20 -21.67 -22.47
N VAL A 175 23.53 -20.95 -21.39
CA VAL A 175 24.04 -19.55 -21.44
C VAL A 175 25.44 -19.53 -20.81
N LYS A 176 26.39 -18.90 -21.49
CA LYS A 176 27.83 -18.85 -21.11
C LYS A 176 28.42 -17.52 -21.58
N GLU A 177 28.75 -16.62 -20.65
CA GLU A 177 29.32 -15.30 -21.01
C GLU A 177 30.11 -14.69 -19.84
N GLU A 178 31.14 -13.92 -20.18
CA GLU A 178 31.94 -13.09 -19.24
C GLU A 178 30.96 -12.26 -18.40
N SER A 179 31.15 -12.26 -17.08
CA SER A 179 30.28 -11.54 -16.12
C SER A 179 31.07 -11.15 -14.86
N TYR A 180 30.79 -9.98 -14.32
CA TYR A 180 31.25 -9.56 -12.97
C TYR A 180 30.41 -10.30 -11.93
N PHE A 181 31.07 -10.80 -10.89
CA PHE A 181 30.42 -11.55 -9.78
C PHE A 181 30.57 -10.75 -8.48
N PHE A 182 29.49 -10.66 -7.71
CA PHE A 182 29.46 -10.09 -6.34
C PHE A 182 29.57 -11.26 -5.34
N ASN A 183 30.72 -11.34 -4.66
CA ASN A 183 31.06 -12.43 -3.70
C ASN A 183 30.24 -12.20 -2.42
N ILE A 184 28.97 -12.60 -2.45
CA ILE A 184 27.99 -12.41 -1.35
C ILE A 184 28.22 -13.48 -0.27
N SER A 185 28.78 -14.64 -0.67
CA SER A 185 29.04 -15.81 0.21
C SER A 185 29.77 -15.37 1.48
N LYS A 186 30.72 -14.44 1.34
CA LYS A 186 31.60 -13.93 2.44
C LYS A 186 30.76 -13.22 3.52
N TYR A 187 29.57 -12.72 3.18
CA TYR A 187 28.69 -11.96 4.12
C TYR A 187 27.66 -12.88 4.80
N THR A 188 27.72 -14.19 4.55
CA THR A 188 26.69 -15.16 5.00
C THR A 188 26.52 -15.06 6.53
N ASP A 189 27.62 -15.19 7.28
CA ASP A 189 27.61 -15.21 8.76
C ASP A 189 27.01 -13.90 9.27
N ARG A 190 27.38 -12.77 8.68
CA ARG A 190 26.92 -11.43 9.10
C ARG A 190 25.41 -11.29 8.87
N LEU A 191 24.88 -11.90 7.80
CA LEU A 191 23.44 -11.83 7.44
C LEU A 191 22.61 -12.62 8.46
N LEU A 192 23.10 -13.79 8.90
CA LEU A 192 22.40 -14.68 9.86
C LEU A 192 22.37 -14.00 11.23
N GLU A 193 23.42 -13.24 11.57
CA GLU A 193 23.51 -12.48 12.85
C GLU A 193 22.42 -11.40 12.84
N PHE A 194 22.22 -10.74 11.69
CA PHE A 194 21.21 -9.68 11.49
C PHE A 194 19.81 -10.28 11.68
N TYR A 195 19.58 -11.49 11.16
CA TYR A 195 18.29 -12.23 11.29
C TYR A 195 18.07 -12.59 12.77
N ASP A 196 19.13 -12.93 13.49
CA ASP A 196 19.09 -13.26 14.95
C ASP A 196 18.67 -12.02 15.74
N GLN A 197 19.23 -10.85 15.42
CA GLN A 197 18.97 -9.57 16.15
C GLN A 197 17.65 -8.94 15.68
N ASN A 198 17.23 -9.21 14.43
CA ASN A 198 15.97 -8.65 13.83
C ASN A 198 15.07 -9.79 13.42
N PRO A 199 14.36 -10.44 14.37
CA PRO A 199 13.57 -11.64 14.08
C PRO A 199 12.28 -11.32 13.32
N ASP A 200 11.85 -10.05 13.37
CA ASP A 200 10.62 -9.54 12.68
C ASP A 200 10.97 -8.87 11.35
N PHE A 201 12.21 -9.05 10.85
CA PHE A 201 12.70 -8.40 9.60
C PHE A 201 11.78 -8.79 8.43
N ILE A 202 11.56 -10.09 8.21
CA ILE A 202 10.68 -10.59 7.11
C ILE A 202 9.27 -10.84 7.65
N GLN A 203 8.27 -10.24 7.01
CA GLN A 203 6.82 -10.36 7.32
C GLN A 203 6.08 -10.82 6.06
N PRO A 204 5.08 -11.73 6.18
CA PRO A 204 4.76 -12.40 7.43
C PRO A 204 5.80 -13.48 7.75
N PRO A 205 5.94 -13.90 9.02
CA PRO A 205 7.01 -14.81 9.44
C PRO A 205 7.16 -16.14 8.68
N SER A 206 6.11 -16.62 8.01
CA SER A 206 6.13 -17.82 7.13
C SER A 206 7.35 -17.75 6.20
N ARG A 207 7.46 -16.64 5.46
CA ARG A 207 8.43 -16.45 4.34
C ARG A 207 9.87 -16.47 4.83
N LYS A 208 10.14 -16.14 6.10
CA LYS A 208 11.52 -16.08 6.67
C LYS A 208 12.19 -17.45 6.58
N ASN A 209 11.76 -18.40 7.42
CA ASN A 209 12.42 -19.71 7.64
C ASN A 209 12.67 -20.41 6.29
N GLU A 210 11.87 -20.08 5.27
CA GLU A 210 12.05 -20.56 3.87
C GLU A 210 13.40 -20.08 3.35
N MET A 211 13.61 -18.75 3.29
CA MET A 211 14.85 -18.10 2.78
C MET A 211 16.07 -18.73 3.45
N ILE A 212 15.99 -18.98 4.77
CA ILE A 212 17.12 -19.51 5.60
C ILE A 212 17.31 -21.00 5.29
N ASN A 213 16.22 -21.78 5.28
CA ASN A 213 16.22 -23.25 5.04
C ASN A 213 16.66 -23.53 3.59
N ASN A 214 16.16 -22.76 2.61
CA ASN A 214 16.30 -23.04 1.16
C ASN A 214 17.58 -22.41 0.60
N PHE A 215 17.78 -21.10 0.76
CA PHE A 215 18.77 -20.30 -0.02
C PHE A 215 20.09 -20.16 0.75
N ILE A 216 20.04 -19.92 2.06
CA ILE A 216 21.24 -19.54 2.88
C ILE A 216 21.90 -20.81 3.43
N PRO A 218 22.60 -24.32 2.72
CA PRO A 218 23.06 -24.71 1.37
C PRO A 218 24.32 -23.95 0.92
N GLY A 219 24.36 -22.64 1.16
CA GLY A 219 25.48 -21.74 0.82
C GLY A 219 25.10 -20.77 -0.29
N LEU A 220 25.39 -19.49 -0.10
CA LEU A 220 25.14 -18.43 -1.11
C LEU A 220 26.26 -18.48 -2.16
N ALA A 221 25.92 -18.76 -3.42
CA ALA A 221 26.84 -18.74 -4.58
C ALA A 221 27.07 -17.29 -5.02
N ASP A 222 28.23 -17.00 -5.61
CA ASP A 222 28.59 -15.64 -6.09
C ASP A 222 27.58 -15.21 -7.15
N LEU A 223 27.06 -13.98 -7.03
CA LEU A 223 25.97 -13.43 -7.86
C LEU A 223 26.57 -12.75 -9.10
N ALA A 224 26.20 -13.22 -10.30
CA ALA A 224 26.53 -12.59 -11.59
C ALA A 224 25.79 -11.25 -11.69
N VAL A 225 26.51 -10.13 -11.60
CA VAL A 225 25.90 -8.77 -11.43
C VAL A 225 26.08 -7.93 -12.71
N SER A 226 26.67 -8.49 -13.77
CA SER A 226 26.81 -7.82 -15.10
C SER A 226 26.70 -8.83 -16.24
N ARG A 227 26.40 -8.34 -17.45
CA ARG A 227 26.36 -9.12 -18.71
C ARG A 227 26.98 -8.29 -19.84
N THR A 228 27.39 -8.95 -20.93
CA THR A 228 27.92 -8.31 -22.17
C THR A 228 26.95 -8.54 -23.34
N SER A 229 25.81 -9.19 -23.09
CA SER A 229 24.88 -9.74 -24.12
C SER A 229 23.82 -8.71 -24.52
N PHE A 230 23.72 -7.57 -23.84
CA PHE A 230 22.79 -6.45 -24.16
C PHE A 230 23.47 -5.12 -23.81
N ASN A 231 22.91 -4.00 -24.27
CA ASN A 231 23.57 -2.66 -24.17
C ASN A 231 22.64 -1.63 -23.52
N TRP A 232 21.33 -1.89 -23.45
CA TRP A 232 20.38 -0.96 -22.78
C TRP A 232 20.45 -1.19 -21.27
N GLY A 233 21.16 -0.29 -20.58
CA GLY A 233 21.40 -0.34 -19.13
C GLY A 233 22.61 0.49 -18.77
N VAL A 234 22.99 0.47 -17.50
CA VAL A 234 24.16 1.25 -16.99
C VAL A 234 25.42 0.44 -17.27
N HIS A 235 26.33 0.97 -18.09
CA HIS A 235 27.62 0.34 -18.45
C HIS A 235 28.62 0.56 -17.32
N VAL A 236 29.51 -0.40 -17.09
CA VAL A 236 30.53 -0.36 -15.99
C VAL A 236 31.62 0.63 -16.41
N PRO A 237 31.79 1.75 -15.67
CA PRO A 237 32.81 2.75 -16.03
C PRO A 237 34.20 2.16 -16.37
N SER A 238 34.70 1.22 -15.55
CA SER A 238 36.08 0.65 -15.69
C SER A 238 36.11 -0.51 -16.69
N ASN A 239 34.96 -0.92 -17.24
CA ASN A 239 34.85 -1.99 -18.27
C ASN A 239 33.57 -1.77 -19.06
N PRO A 240 33.54 -0.74 -19.95
CA PRO A 240 32.32 -0.29 -20.61
C PRO A 240 31.46 -1.33 -21.34
N LYS A 241 32.05 -2.42 -21.87
CA LYS A 241 31.27 -3.46 -22.60
C LYS A 241 30.37 -4.22 -21.62
N HIS A 242 30.62 -4.11 -20.31
CA HIS A 242 29.78 -4.72 -19.25
C HIS A 242 28.62 -3.77 -18.90
N VAL A 243 27.41 -4.33 -18.81
CA VAL A 243 26.19 -3.58 -18.39
C VAL A 243 25.69 -4.21 -17.08
N VAL A 244 25.41 -3.36 -16.09
CA VAL A 244 24.96 -3.77 -14.73
C VAL A 244 23.62 -4.48 -14.91
N TYR A 245 23.49 -5.68 -14.35
CA TYR A 245 22.27 -6.53 -14.42
C TYR A 245 21.26 -6.05 -13.36
N VAL A 246 20.07 -6.65 -13.33
CA VAL A 246 18.89 -6.21 -12.52
C VAL A 246 19.27 -6.00 -11.04
N TRP A 247 20.12 -6.85 -10.47
CA TRP A 247 20.31 -6.95 -8.99
C TRP A 247 20.67 -5.58 -8.41
N ILE A 248 21.84 -5.05 -8.76
CA ILE A 248 22.36 -3.75 -8.23
C ILE A 248 21.55 -2.59 -8.84
N ASP A 249 21.29 -2.64 -10.15
CA ASP A 249 20.56 -1.57 -10.88
C ASP A 249 19.23 -1.31 -10.17
N ALA A 250 18.39 -2.33 -10.02
CA ALA A 250 17.00 -2.17 -9.51
C ALA A 250 17.01 -1.82 -8.01
N LEU A 251 17.83 -2.51 -7.21
CA LEU A 251 17.75 -2.45 -5.73
C LEU A 251 18.13 -1.05 -5.23
N VAL A 252 19.08 -0.36 -5.87
CA VAL A 252 19.63 0.94 -5.37
C VAL A 252 18.63 2.08 -5.60
N ASN A 253 17.49 1.82 -6.26
CA ASN A 253 16.43 2.82 -6.52
C ASN A 253 15.95 3.42 -5.18
N TYR A 254 15.88 2.58 -4.13
CA TYR A 254 15.38 2.95 -2.78
C TYR A 254 16.26 4.05 -2.16
N ILE A 255 17.54 4.10 -2.55
CA ILE A 255 18.53 5.04 -1.95
C ILE A 255 18.86 6.14 -2.97
N SER A 256 18.96 5.82 -4.26
CA SER A 256 19.20 6.82 -5.33
C SER A 256 18.09 7.87 -5.35
N ALA A 257 16.85 7.48 -5.00
CA ALA A 257 15.68 8.39 -4.96
C ALA A 257 15.81 9.40 -3.81
N LEU A 258 16.65 9.11 -2.80
CA LEU A 258 16.92 9.99 -1.64
C LEU A 258 18.20 10.80 -1.87
N GLY A 259 18.80 10.71 -3.06
CA GLY A 259 19.94 11.55 -3.48
C GLY A 259 21.26 11.08 -2.91
N TYR A 260 21.36 9.78 -2.56
CA TYR A 260 22.60 9.10 -2.11
C TYR A 260 23.70 9.31 -3.18
N LEU A 261 24.91 9.67 -2.74
CA LEU A 261 26.12 9.83 -3.60
C LEU A 261 25.98 11.06 -4.53
N SER A 262 24.98 11.93 -4.30
CA SER A 262 24.77 13.19 -5.05
C SER A 262 25.31 14.37 -4.22
N ASP A 263 25.14 15.60 -4.72
CA ASP A 263 25.50 16.85 -4.00
C ASP A 263 24.57 17.04 -2.79
N ASP A 264 23.32 16.60 -2.88
CA ASP A 264 22.28 16.76 -1.83
C ASP A 264 21.85 15.37 -1.33
N GLU A 265 22.36 14.96 -0.16
CA GLU A 265 22.06 13.67 0.49
C GLU A 265 21.04 13.86 1.63
N SER A 266 20.40 15.04 1.72
CA SER A 266 19.55 15.43 2.88
C SER A 266 18.36 14.47 3.03
N LEU A 267 17.72 14.07 1.92
CA LEU A 267 16.58 13.11 1.96
C LEU A 267 17.08 11.75 2.46
N PHE A 268 18.28 11.35 2.03
CA PHE A 268 18.92 10.05 2.40
C PHE A 268 19.20 10.02 3.91
N ASN A 269 19.79 11.08 4.47
CA ASN A 269 20.15 11.18 5.90
C ASN A 269 18.86 11.25 6.73
N LYS A 270 17.79 11.80 6.16
CA LYS A 270 16.47 11.97 6.81
C LYS A 270 15.71 10.64 6.85
N TYR A 271 15.57 9.95 5.70
CA TYR A 271 14.56 8.88 5.50
C TYR A 271 15.18 7.48 5.50
N TRP A 272 16.45 7.32 5.11
CA TRP A 272 17.13 6.00 5.18
C TRP A 272 17.52 5.74 6.64
N PRO A 273 17.34 4.51 7.20
CA PRO A 273 16.81 3.36 6.46
C PRO A 273 15.28 3.28 6.33
N ALA A 274 14.83 2.56 5.30
CA ALA A 274 13.40 2.31 4.98
C ALA A 274 12.75 1.57 6.15
N ASP A 275 11.54 1.99 6.52
CA ASP A 275 10.70 1.36 7.58
C ASP A 275 10.03 0.11 7.01
N ILE A 276 9.62 0.15 5.73
CA ILE A 276 8.97 -0.99 5.02
C ILE A 276 9.34 -0.94 3.53
N HIS A 277 9.90 -2.05 3.01
CA HIS A 277 9.85 -2.42 1.57
C HIS A 277 8.66 -3.35 1.35
N LEU A 278 7.67 -2.95 0.55
CA LEU A 278 6.52 -3.79 0.11
C LEU A 278 6.89 -4.53 -1.17
N MET A 279 6.34 -5.73 -1.37
CA MET A 279 6.54 -6.55 -2.60
C MET A 279 5.62 -7.78 -2.54
N ALA A 280 5.54 -8.50 -3.65
CA ALA A 280 4.97 -9.88 -3.72
C ALA A 280 6.09 -10.87 -3.39
N LYS A 281 5.70 -12.08 -3.00
CA LYS A 281 6.56 -13.14 -2.42
C LYS A 281 7.71 -13.51 -3.38
N GLU A 282 7.57 -13.37 -4.70
CA GLU A 282 8.54 -13.91 -5.70
C GLU A 282 9.89 -13.16 -5.64
N ILE A 283 9.97 -11.98 -5.03
CA ILE A 283 11.22 -11.16 -4.94
C ILE A 283 11.61 -10.93 -3.47
N VAL A 284 11.09 -11.72 -2.52
CA VAL A 284 11.45 -11.58 -1.08
C VAL A 284 12.94 -11.90 -0.90
N ARG A 285 13.44 -12.92 -1.60
CA ARG A 285 14.85 -13.36 -1.44
C ARG A 285 15.80 -12.26 -1.94
N PHE A 286 15.42 -11.49 -2.96
CA PHE A 286 16.26 -10.39 -3.50
C PHE A 286 16.35 -9.26 -2.46
N HIS A 287 15.27 -9.03 -1.70
CA HIS A 287 15.16 -7.91 -0.73
C HIS A 287 15.62 -8.31 0.68
N SER A 288 15.71 -9.60 0.99
CA SER A 288 16.04 -10.09 2.35
C SER A 288 17.41 -10.79 2.37
N ILE A 289 17.98 -11.08 1.20
CA ILE A 289 19.35 -11.67 1.07
C ILE A 289 20.26 -10.68 0.35
N ILE A 290 20.03 -10.45 -0.95
CA ILE A 290 20.94 -9.65 -1.82
C ILE A 290 21.01 -8.20 -1.31
N TRP A 291 19.87 -7.63 -0.91
CA TRP A 291 19.75 -6.18 -0.58
C TRP A 291 20.49 -5.87 0.72
N PRO A 292 20.26 -6.61 1.83
CA PRO A 292 21.02 -6.38 3.06
C PRO A 292 22.53 -6.57 2.89
N ILE A 293 22.96 -7.54 2.07
CA ILE A 293 24.40 -7.84 1.83
C ILE A 293 25.00 -6.68 1.01
N LEU A 294 24.31 -6.22 -0.01
CA LEU A 294 24.74 -5.03 -0.79
C LEU A 294 24.88 -3.85 0.17
N LEU A 295 23.89 -3.60 1.04
CA LEU A 295 23.93 -2.48 2.02
C LEU A 295 25.11 -2.64 2.99
N MET A 296 25.47 -3.87 3.36
CA MET A 296 26.63 -4.16 4.25
C MET A 296 27.93 -3.79 3.52
N ALA A 297 28.07 -4.19 2.26
CA ALA A 297 29.26 -3.94 1.41
C ALA A 297 29.46 -2.44 1.23
N LEU A 298 28.36 -1.66 1.21
CA LEU A 298 28.41 -0.18 1.11
C LEU A 298 28.42 0.45 2.51
N ASP A 299 28.49 -0.38 3.57
CA ASP A 299 28.56 0.07 4.98
C ASP A 299 27.37 0.99 5.28
N LEU A 300 26.16 0.59 4.89
CA LEU A 300 24.93 1.40 5.06
C LEU A 300 23.97 0.70 6.01
N PRO A 301 23.13 1.45 6.75
CA PRO A 301 22.12 0.86 7.63
C PRO A 301 21.16 -0.01 6.81
N LEU A 302 20.66 -1.10 7.40
CA LEU A 302 19.79 -2.07 6.68
C LEU A 302 18.33 -1.68 6.91
N PRO A 303 17.41 -2.06 6.00
CA PRO A 303 16.00 -1.70 6.15
C PRO A 303 15.39 -2.39 7.37
N LYS A 304 14.38 -1.78 7.99
CA LYS A 304 13.78 -2.28 9.26
C LYS A 304 12.89 -3.50 8.98
N LYS A 305 12.22 -3.54 7.83
CA LYS A 305 11.19 -4.59 7.52
C LYS A 305 11.00 -4.75 6.02
N VAL A 306 10.94 -5.99 5.54
CA VAL A 306 10.40 -6.32 4.19
C VAL A 306 9.06 -7.04 4.41
N PHE A 307 8.00 -6.50 3.81
CA PHE A 307 6.63 -7.06 3.80
C PHE A 307 6.34 -7.61 2.41
N ALA A 308 6.19 -8.93 2.28
CA ALA A 308 5.79 -9.57 1.02
C ALA A 308 4.37 -10.10 1.16
N HIS A 309 3.45 -9.64 0.31
CA HIS A 309 2.06 -10.15 0.21
C HIS A 309 2.03 -11.34 -0.76
N GLY A 310 0.86 -11.93 -0.97
CA GLY A 310 0.65 -13.07 -1.87
C GLY A 310 0.28 -12.61 -3.26
N TRP A 311 -0.01 -13.55 -4.17
CA TRP A 311 -0.40 -13.24 -5.58
C TRP A 311 -1.92 -13.17 -5.70
N ILE A 312 -2.37 -12.28 -6.58
CA ILE A 312 -3.74 -12.29 -7.18
C ILE A 312 -3.75 -13.35 -8.28
N LEU A 313 -4.58 -14.39 -8.13
CA LEU A 313 -4.73 -15.51 -9.09
C LEU A 313 -5.93 -15.25 -10.00
N MET A 314 -5.92 -15.81 -11.21
CA MET A 314 -7.01 -15.70 -12.21
C MET A 314 -7.14 -17.00 -12.99
N LYS A 315 -7.69 -18.04 -12.36
CA LYS A 315 -8.04 -19.35 -12.97
C LYS A 315 -6.77 -20.10 -13.39
N ASP A 316 -6.04 -19.61 -14.40
CA ASP A 316 -4.79 -20.25 -14.92
C ASP A 316 -3.56 -19.66 -14.20
N GLY A 317 -3.59 -19.67 -12.86
CA GLY A 317 -2.45 -19.30 -11.99
C GLY A 317 -2.36 -17.80 -11.76
N LYS A 318 -1.16 -17.32 -11.41
CA LYS A 318 -0.86 -15.91 -11.02
C LYS A 318 -1.23 -14.96 -12.16
N MET A 319 -1.98 -13.90 -11.85
CA MET A 319 -2.20 -12.78 -12.80
C MET A 319 -0.83 -12.27 -13.22
N SER A 320 -0.50 -12.43 -14.50
CA SER A 320 0.86 -12.18 -15.04
C SER A 320 0.77 -11.28 -16.28
N LYS A 321 1.41 -10.11 -16.18
CA LYS A 321 1.66 -9.13 -17.27
C LYS A 321 1.92 -9.87 -18.58
N SER A 322 2.78 -10.91 -18.54
CA SER A 322 3.25 -11.70 -19.70
C SER A 322 2.20 -12.75 -20.09
N LYS A 323 1.71 -13.54 -19.13
CA LYS A 323 0.77 -14.68 -19.33
C LYS A 323 -0.46 -14.21 -20.13
N GLY A 324 -1.08 -13.09 -19.74
CA GLY A 324 -2.22 -12.47 -20.44
C GLY A 324 -3.50 -12.45 -19.62
N ASN A 325 -3.62 -13.34 -18.62
CA ASN A 325 -4.79 -13.46 -17.71
C ASN A 325 -4.87 -12.23 -16.80
N VAL A 326 -5.27 -11.09 -17.36
CA VAL A 326 -5.02 -9.74 -16.77
C VAL A 326 -6.36 -9.01 -16.59
N VAL A 327 -6.51 -8.32 -15.46
CA VAL A 327 -7.64 -7.37 -15.18
C VAL A 327 -7.05 -5.96 -15.10
N ASP A 328 -7.55 -5.05 -15.94
CA ASP A 328 -7.04 -3.65 -16.06
C ASP A 328 -7.72 -2.80 -14.99
N PRO A 329 -6.94 -2.19 -14.06
CA PRO A 329 -7.51 -1.34 -13.01
C PRO A 329 -8.33 -0.16 -13.56
N ASN A 330 -7.94 0.38 -14.72
CA ASN A 330 -8.63 1.48 -15.43
C ASN A 330 -10.09 1.10 -15.70
N ILE A 331 -10.32 -0.09 -16.24
CA ILE A 331 -11.68 -0.60 -16.59
C ILE A 331 -12.51 -0.67 -15.30
N LEU A 332 -11.94 -1.21 -14.23
CA LEU A 332 -12.61 -1.34 -12.90
C LEU A 332 -12.92 0.04 -12.33
N ILE A 333 -11.98 0.99 -12.41
CA ILE A 333 -12.20 2.38 -11.89
C ILE A 333 -13.28 3.05 -12.72
N ASP A 334 -13.21 2.91 -14.06
CA ASP A 334 -14.16 3.54 -15.03
C ASP A 334 -15.58 3.03 -14.75
N ARG A 335 -15.75 1.71 -14.67
CA ARG A 335 -17.08 1.05 -14.49
C ARG A 335 -17.62 1.34 -13.08
N TYR A 336 -16.87 0.98 -12.03
CA TYR A 336 -17.39 0.85 -10.64
C TYR A 336 -16.88 1.98 -9.72
N GLY A 337 -15.92 2.80 -10.17
CA GLY A 337 -15.40 3.93 -9.38
C GLY A 337 -14.16 3.55 -8.60
N LEU A 338 -13.52 4.55 -7.97
CA LEU A 338 -12.19 4.42 -7.31
C LEU A 338 -12.33 3.67 -5.97
N ASP A 339 -13.23 4.12 -5.09
CA ASP A 339 -13.44 3.57 -3.73
C ASP A 339 -13.68 2.05 -3.82
N ALA A 340 -14.55 1.62 -4.73
CA ALA A 340 -14.91 0.20 -4.96
C ALA A 340 -13.67 -0.60 -5.35
N THR A 341 -12.84 -0.07 -6.26
CA THR A 341 -11.63 -0.75 -6.78
C THR A 341 -10.58 -0.84 -5.66
N ARG A 342 -10.34 0.25 -4.94
CA ARG A 342 -9.41 0.30 -3.76
C ARG A 342 -9.92 -0.67 -2.68
N TYR A 343 -11.21 -0.63 -2.35
CA TYR A 343 -11.82 -1.47 -1.28
C TYR A 343 -11.64 -2.96 -1.62
N TYR A 344 -12.02 -3.36 -2.83
CA TYR A 344 -11.97 -4.78 -3.28
C TYR A 344 -10.54 -5.30 -3.16
N LEU A 345 -9.57 -4.55 -3.69
CA LEU A 345 -8.14 -4.92 -3.65
C LEU A 345 -7.71 -5.20 -2.20
N MET A 346 -8.04 -4.30 -1.27
CA MET A 346 -7.55 -4.36 0.14
C MET A 346 -8.37 -5.36 0.97
N ARG A 347 -9.64 -5.59 0.62
CA ARG A 347 -10.57 -6.43 1.43
C ARG A 347 -10.50 -7.89 0.99
N GLU A 348 -10.58 -8.16 -0.32
CA GLU A 348 -10.79 -9.54 -0.87
C GLU A 348 -9.49 -10.34 -0.79
N LEU A 349 -8.35 -9.69 -0.98
CA LEU A 349 -7.03 -10.34 -1.17
C LEU A 349 -6.20 -10.12 0.10
N PRO A 350 -6.24 -11.07 1.06
CA PRO A 350 -5.63 -10.87 2.38
C PRO A 350 -4.10 -10.90 2.32
N PHE A 351 -3.45 -9.93 2.96
CA PHE A 351 -1.98 -9.93 3.21
C PHE A 351 -1.67 -11.15 4.09
N GLY A 352 -0.91 -12.11 3.56
CA GLY A 352 -0.52 -13.35 4.26
C GLY A 352 -0.92 -14.61 3.49
N SER A 353 -1.71 -14.48 2.43
CA SER A 353 -2.12 -15.60 1.54
C SER A 353 -2.34 -15.07 0.12
N ASP A 354 -2.54 -15.97 -0.84
CA ASP A 354 -2.92 -15.61 -2.23
C ASP A 354 -4.43 -15.37 -2.26
N GLY A 355 -4.92 -14.70 -3.30
CA GLY A 355 -6.35 -14.40 -3.51
C GLY A 355 -6.72 -14.60 -4.97
N VAL A 356 -7.94 -15.09 -5.23
CA VAL A 356 -8.46 -15.35 -6.60
C VAL A 356 -9.45 -14.24 -6.95
N PHE A 357 -9.22 -13.53 -8.06
CA PHE A 357 -10.16 -12.51 -8.58
C PHE A 357 -11.26 -13.21 -9.38
N THR A 358 -12.52 -12.81 -9.14
CA THR A 358 -13.71 -13.16 -9.94
C THR A 358 -14.55 -11.91 -10.13
N PRO A 359 -15.17 -11.70 -11.30
CA PRO A 359 -16.05 -10.54 -11.51
C PRO A 359 -17.24 -10.51 -10.53
N GLU A 360 -17.71 -11.69 -10.10
CA GLU A 360 -18.86 -11.86 -9.19
C GLU A 360 -18.48 -11.30 -7.81
N ALA A 361 -17.35 -11.74 -7.25
CA ALA A 361 -16.86 -11.36 -5.92
C ALA A 361 -16.66 -9.84 -5.86
N PHE A 362 -16.16 -9.23 -6.95
CA PHE A 362 -15.99 -7.76 -7.06
C PHE A 362 -17.36 -7.09 -6.88
N VAL A 363 -18.36 -7.57 -7.62
CA VAL A 363 -19.73 -6.97 -7.67
C VAL A 363 -20.36 -7.08 -6.28
N GLU A 364 -20.13 -8.20 -5.59
CA GLU A 364 -20.69 -8.49 -4.23
C GLU A 364 -20.08 -7.52 -3.21
N ARG A 365 -18.74 -7.40 -3.17
CA ARG A 365 -18.02 -6.47 -2.26
C ARG A 365 -18.54 -5.04 -2.48
N THR A 366 -18.57 -4.60 -3.75
CA THR A 366 -19.04 -3.27 -4.17
C THR A 366 -20.49 -3.06 -3.68
N ASN A 367 -21.40 -3.95 -4.05
CA ASN A 367 -22.86 -3.75 -3.84
C ASN A 367 -23.24 -3.98 -2.37
N PHE A 368 -22.72 -5.04 -1.72
CA PHE A 368 -23.20 -5.46 -0.37
C PHE A 368 -22.48 -4.65 0.71
N ASP A 369 -21.15 -4.59 0.67
CA ASP A 369 -20.33 -3.92 1.72
C ASP A 369 -20.47 -2.40 1.58
N LEU A 370 -20.21 -1.86 0.38
CA LEU A 370 -20.12 -0.39 0.16
C LEU A 370 -21.52 0.22 0.02
N ALA A 371 -22.24 -0.12 -1.05
CA ALA A 371 -23.56 0.49 -1.38
C ALA A 371 -24.58 0.17 -0.27
N ASN A 372 -24.75 -1.11 0.08
CA ASN A 372 -25.83 -1.55 1.00
C ASN A 372 -25.42 -1.29 2.47
N ASP A 373 -24.36 -1.94 2.97
CA ASP A 373 -23.97 -1.90 4.41
C ASP A 373 -23.63 -0.47 4.83
N LEU A 374 -22.71 0.21 4.14
CA LEU A 374 -22.23 1.56 4.52
C LEU A 374 -23.13 2.62 3.89
N GLY A 375 -23.27 2.62 2.57
CA GLY A 375 -24.06 3.61 1.82
C GLY A 375 -25.46 3.80 2.37
N ASN A 376 -26.16 2.71 2.67
CA ASN A 376 -27.59 2.78 3.08
C ASN A 376 -27.72 3.01 4.59
N LEU A 377 -26.69 2.70 5.39
CA LEU A 377 -26.66 3.09 6.82
C LEU A 377 -26.76 4.62 6.91
N VAL A 378 -25.96 5.34 6.11
CA VAL A 378 -25.89 6.84 6.13
C VAL A 378 -27.22 7.39 5.61
N ASN A 379 -27.73 6.86 4.50
CA ASN A 379 -28.97 7.32 3.85
C ASN A 379 -30.16 7.09 4.81
N ARG A 380 -30.22 5.91 5.46
CA ARG A 380 -31.29 5.59 6.45
C ARG A 380 -31.23 6.59 7.61
N THR A 381 -30.03 6.85 8.14
CA THR A 381 -29.78 7.73 9.32
C THR A 381 -30.19 9.18 9.01
N ILE A 382 -29.67 9.74 7.91
CA ILE A 382 -29.93 11.15 7.50
C ILE A 382 -31.43 11.32 7.23
N SER A 383 -32.06 10.35 6.54
CA SER A 383 -33.51 10.35 6.21
C SER A 383 -34.34 10.45 7.50
N MET A 384 -33.91 9.78 8.57
CA MET A 384 -34.63 9.75 9.87
C MET A 384 -34.41 11.06 10.63
N VAL A 385 -33.19 11.59 10.60
CA VAL A 385 -32.86 12.91 11.24
C VAL A 385 -33.70 13.99 10.57
N ASN A 386 -33.87 13.94 9.24
CA ASN A 386 -34.71 14.88 8.47
C ASN A 386 -36.17 14.69 8.85
N LYS A 387 -36.67 13.45 8.78
CA LYS A 387 -38.11 13.13 8.98
C LYS A 387 -38.55 13.57 10.38
N TYR A 388 -37.77 13.27 11.43
CA TYR A 388 -38.20 13.39 12.85
C TYR A 388 -37.76 14.73 13.47
N PHE A 389 -36.55 15.21 13.18
CA PHE A 389 -35.95 16.43 13.81
C PHE A 389 -35.78 17.55 12.79
N ASP A 390 -36.29 17.37 11.56
CA ASP A 390 -36.30 18.40 10.48
C ASP A 390 -34.86 18.76 10.09
N GLY A 391 -33.92 17.82 10.24
CA GLY A 391 -32.51 17.97 9.83
C GLY A 391 -31.59 18.36 10.98
N GLU A 392 -32.15 18.71 12.14
CA GLU A 392 -31.37 19.18 13.31
C GLU A 392 -31.05 17.97 14.20
N LEU A 393 -29.85 17.41 14.05
CA LEU A 393 -29.35 16.26 14.85
C LEU A 393 -29.15 16.71 16.29
N PRO A 394 -29.92 16.17 17.27
CA PRO A 394 -29.71 16.49 18.67
C PRO A 394 -28.29 16.15 19.14
N ALA A 395 -27.76 16.98 20.04
CA ALA A 395 -26.40 16.87 20.61
C ALA A 395 -26.31 15.61 21.48
N TYR A 396 -25.18 14.91 21.39
CA TYR A 396 -24.84 13.74 22.24
C TYR A 396 -24.84 14.19 23.71
N GLN A 397 -25.35 13.33 24.60
CA GLN A 397 -25.42 13.55 26.07
C GLN A 397 -24.66 12.42 26.78
N GLY A 398 -25.00 11.18 26.44
CA GLY A 398 -24.40 9.96 26.99
C GLY A 398 -25.13 8.72 26.49
N PRO A 399 -24.88 7.54 27.09
CA PRO A 399 -25.57 6.31 26.71
C PRO A 399 -26.96 6.17 27.35
N LEU A 400 -27.95 6.92 26.88
CA LEU A 400 -29.33 6.94 27.44
C LEU A 400 -29.98 5.56 27.26
N HIS A 401 -29.73 4.92 26.10
CA HIS A 401 -30.27 3.58 25.75
C HIS A 401 -29.44 2.50 26.46
N GLU A 402 -30.02 1.32 26.70
CA GLU A 402 -29.36 0.20 27.42
C GLU A 402 -28.44 -0.57 26.46
N LEU A 403 -28.57 -0.37 25.14
CA LEU A 403 -27.67 -0.95 24.11
C LEU A 403 -26.41 -0.09 24.00
N ASP A 404 -26.50 1.19 24.37
CA ASP A 404 -25.48 2.25 24.11
C ASP A 404 -24.16 1.92 24.81
N GLU A 405 -24.20 1.54 26.09
CA GLU A 405 -22.98 1.38 26.92
C GLU A 405 -22.01 0.41 26.23
N GLU A 406 -22.50 -0.78 25.85
CA GLU A 406 -21.67 -1.85 25.24
C GLU A 406 -21.35 -1.50 23.79
N MET A 407 -22.22 -0.75 23.11
CA MET A 407 -21.99 -0.32 21.70
C MET A 407 -20.90 0.75 21.68
N GLU A 408 -20.94 1.71 22.62
CA GLU A 408 -19.86 2.72 22.82
C GLU A 408 -18.54 1.98 23.04
N ALA A 409 -18.53 0.99 23.93
CA ALA A 409 -17.36 0.13 24.22
C ALA A 409 -16.93 -0.60 22.95
N MET A 410 -17.88 -1.01 22.11
CA MET A 410 -17.60 -1.69 20.81
C MET A 410 -16.90 -0.71 19.85
N ALA A 411 -17.31 0.55 19.84
CA ALA A 411 -16.68 1.61 19.00
C ALA A 411 -15.20 1.70 19.33
N LEU A 412 -14.85 1.76 20.62
CA LEU A 412 -13.44 1.86 21.11
C LEU A 412 -12.68 0.58 20.77
N GLU A 413 -13.32 -0.58 20.94
CA GLU A 413 -12.68 -1.91 20.74
C GLU A 413 -12.43 -2.13 19.24
N THR A 414 -13.26 -1.53 18.38
CA THR A 414 -13.10 -1.53 16.90
C THR A 414 -11.81 -0.78 16.55
N VAL A 415 -11.64 0.43 17.10
CA VAL A 415 -10.45 1.31 16.87
C VAL A 415 -9.19 0.56 17.29
N LYS A 416 -9.20 -0.02 18.50
CA LYS A 416 -8.08 -0.80 19.08
C LYS A 416 -7.74 -1.98 18.16
N SER A 417 -8.73 -2.80 17.81
CA SER A 417 -8.59 -3.99 16.93
C SER A 417 -8.03 -3.58 15.57
N TYR A 418 -8.57 -2.50 15.00
CA TYR A 418 -8.18 -1.88 13.71
C TYR A 418 -6.68 -1.55 13.75
N THR A 419 -6.26 -0.78 14.77
CA THR A 419 -4.85 -0.34 14.99
C THR A 419 -3.90 -1.55 14.92
N GLU A 420 -4.18 -2.59 15.72
CA GLU A 420 -3.34 -3.82 15.79
C GLU A 420 -3.21 -4.42 14.38
N SER A 421 -4.34 -4.63 13.69
CA SER A 421 -4.41 -5.19 12.31
C SER A 421 -3.54 -4.36 11.36
N MET A 422 -3.65 -3.03 11.43
CA MET A 422 -2.94 -2.07 10.52
C MET A 422 -1.43 -2.11 10.78
N GLU A 423 -1.01 -2.20 12.05
CA GLU A 423 0.41 -2.25 12.46
C GLU A 423 1.06 -3.54 11.95
N SER A 424 0.30 -4.64 11.90
CA SER A 424 0.75 -5.96 11.37
C SER A 424 0.32 -6.12 9.91
N LEU A 425 -0.12 -5.04 9.26
CA LEU A 425 -0.38 -4.96 7.79
C LEU A 425 -1.52 -5.90 7.37
N GLN A 426 -2.37 -6.33 8.30
CA GLN A 426 -3.53 -7.22 8.04
C GLN A 426 -4.74 -6.37 7.62
N PHE A 427 -4.76 -5.95 6.35
CA PHE A 427 -5.73 -4.94 5.81
C PHE A 427 -7.14 -5.51 5.73
N SER A 428 -7.29 -6.74 5.23
CA SER A 428 -8.59 -7.43 5.07
C SER A 428 -9.24 -7.60 6.45
N VAL A 429 -8.45 -7.85 7.50
CA VAL A 429 -8.93 -8.02 8.90
C VAL A 429 -9.32 -6.65 9.46
N ALA A 430 -8.49 -5.63 9.23
CA ALA A 430 -8.76 -4.23 9.62
C ALA A 430 -10.13 -3.81 9.07
N LEU A 431 -10.39 -4.11 7.79
CA LEU A 431 -11.63 -3.71 7.07
C LEU A 431 -12.82 -4.55 7.56
N SER A 432 -12.65 -5.87 7.70
CA SER A 432 -13.72 -6.77 8.20
C SER A 432 -14.12 -6.36 9.62
N THR A 433 -13.16 -5.95 10.45
CA THR A 433 -13.39 -5.42 11.82
C THR A 433 -14.24 -4.15 11.74
N VAL A 434 -13.90 -3.23 10.83
CA VAL A 434 -14.69 -1.97 10.62
C VAL A 434 -16.12 -2.37 10.23
N TRP A 435 -16.29 -3.35 9.35
CA TRP A 435 -17.62 -3.73 8.79
C TRP A 435 -18.47 -4.44 9.84
N LYS A 436 -17.85 -5.15 10.80
CA LYS A 436 -18.57 -5.71 11.97
C LYS A 436 -19.27 -4.56 12.70
N PHE A 437 -18.57 -3.43 12.87
CA PHE A 437 -19.09 -2.20 13.54
C PHE A 437 -20.21 -1.56 12.70
N ILE A 438 -20.03 -1.47 11.38
CA ILE A 438 -21.03 -0.90 10.44
C ILE A 438 -22.31 -1.75 10.48
N SER A 439 -22.17 -3.09 10.42
CA SER A 439 -23.28 -4.07 10.50
C SER A 439 -24.03 -3.89 11.83
N ARG A 440 -23.30 -3.83 12.95
CA ARG A 440 -23.86 -3.58 14.31
C ARG A 440 -24.70 -2.31 14.28
N THR A 441 -24.21 -1.25 13.64
CA THR A 441 -24.88 0.08 13.58
C THR A 441 -26.21 -0.07 12.84
N ASN A 442 -26.24 -0.84 11.75
CA ASN A 442 -27.47 -1.18 10.99
C ASN A 442 -28.42 -1.93 11.92
N LYS A 443 -27.91 -2.92 12.65
CA LYS A 443 -28.70 -3.74 13.62
C LYS A 443 -29.30 -2.83 14.70
N TYR A 444 -28.56 -1.80 15.13
CA TYR A 444 -28.96 -0.84 16.19
C TYR A 444 -30.26 -0.12 15.80
N ILE A 445 -30.43 0.18 14.52
CA ILE A 445 -31.67 0.81 13.95
C ILE A 445 -32.84 -0.13 14.20
N ASP A 446 -32.67 -1.42 13.91
CA ASP A 446 -33.71 -2.47 14.04
C ASP A 446 -34.06 -2.65 15.52
N GLU A 447 -33.06 -2.72 16.40
CA GLU A 447 -33.23 -2.97 17.86
C GLU A 447 -33.93 -1.79 18.54
N THR A 448 -33.72 -0.55 18.09
CA THR A 448 -34.25 0.69 18.73
C THR A 448 -35.57 1.11 18.09
N THR A 449 -35.84 0.69 16.85
CA THR A 449 -37.05 1.04 16.06
C THR A 449 -37.36 2.52 16.25
N PRO A 450 -36.58 3.45 15.64
CA PRO A 450 -36.78 4.88 15.82
C PRO A 450 -38.19 5.40 15.49
N TRP A 451 -38.87 4.76 14.53
CA TRP A 451 -40.22 5.14 14.04
C TRP A 451 -41.27 4.88 15.15
N VAL A 452 -41.04 3.91 16.02
CA VAL A 452 -41.91 3.63 17.20
C VAL A 452 -41.71 4.75 18.23
N LEU A 453 -40.48 5.24 18.41
CA LEU A 453 -40.12 6.32 19.36
C LEU A 453 -40.70 7.66 18.89
N ALA A 454 -40.80 7.86 17.57
CA ALA A 454 -41.28 9.11 16.94
C ALA A 454 -42.79 9.32 17.20
N LYS A 455 -43.54 8.24 17.42
CA LYS A 455 -44.99 8.31 17.73
C LYS A 455 -45.20 8.97 19.09
N ASP A 456 -44.54 8.46 20.13
CA ASP A 456 -44.61 8.99 21.52
C ASP A 456 -43.88 10.33 21.58
N ASP A 457 -44.58 11.39 22.01
CA ASP A 457 -44.03 12.77 22.09
C ASP A 457 -43.09 12.88 23.30
N SER A 458 -43.20 11.96 24.26
CA SER A 458 -42.36 11.88 25.49
C SER A 458 -41.07 11.10 25.23
N GLN A 459 -40.96 10.45 24.06
CA GLN A 459 -39.75 9.68 23.63
C GLN A 459 -39.02 10.47 22.55
N LYS A 460 -38.72 11.75 22.82
CA LYS A 460 -37.95 12.64 21.92
C LYS A 460 -36.48 12.66 22.38
N ASP A 461 -36.27 12.70 23.70
CA ASP A 461 -34.93 12.60 24.34
C ASP A 461 -34.25 11.31 23.89
N MET A 462 -34.95 10.18 24.00
CA MET A 462 -34.44 8.83 23.64
C MET A 462 -34.28 8.73 22.12
N LEU A 463 -35.24 9.24 21.34
CA LEU A 463 -35.16 9.25 19.85
C LEU A 463 -33.94 10.07 19.43
N GLY A 464 -33.71 11.21 20.07
CA GLY A 464 -32.56 12.10 19.79
C GLY A 464 -31.24 11.41 20.08
N ASN A 465 -31.19 10.68 21.19
CA ASN A 465 -30.03 9.89 21.66
C ASN A 465 -29.71 8.77 20.66
N VAL A 466 -30.73 8.12 20.09
CA VAL A 466 -30.57 7.03 19.08
C VAL A 466 -29.92 7.62 17.83
N MET A 467 -30.42 8.77 17.35
CA MET A 467 -29.89 9.47 16.16
C MET A 467 -28.43 9.88 16.41
N ALA A 468 -28.13 10.36 17.62
CA ALA A 468 -26.79 10.82 18.04
C ALA A 468 -25.77 9.67 17.89
N HIS A 469 -26.13 8.49 18.38
CA HIS A 469 -25.27 7.26 18.38
C HIS A 469 -25.08 6.74 16.95
N LEU A 470 -26.12 6.81 16.12
CA LEU A 470 -26.07 6.43 14.68
C LEU A 470 -24.98 7.25 13.99
N VAL A 471 -25.03 8.58 14.15
CA VAL A 471 -24.10 9.52 13.44
C VAL A 471 -22.69 9.36 14.00
N GLU A 472 -22.54 9.18 15.32
CA GLU A 472 -21.21 9.02 15.95
C GLU A 472 -20.59 7.69 15.48
N ASN A 473 -21.39 6.62 15.40
CA ASN A 473 -20.97 5.31 14.83
C ASN A 473 -20.46 5.53 13.39
N ILE A 474 -21.20 6.29 12.58
CA ILE A 474 -20.85 6.58 11.16
C ILE A 474 -19.54 7.39 11.12
N ARG A 475 -19.36 8.31 12.07
CA ARG A 475 -18.15 9.16 12.14
C ARG A 475 -16.92 8.27 12.38
N TYR A 476 -17.00 7.37 13.36
CA TYR A 476 -15.96 6.37 13.69
C TYR A 476 -15.56 5.62 12.41
N ALA A 477 -16.53 5.03 11.72
CA ALA A 477 -16.34 4.24 10.49
C ALA A 477 -15.68 5.12 9.41
N ALA A 478 -16.12 6.37 9.26
CA ALA A 478 -15.60 7.31 8.24
C ALA A 478 -14.11 7.59 8.49
N VAL A 479 -13.74 7.88 9.74
CA VAL A 479 -12.33 8.24 10.13
C VAL A 479 -11.43 7.03 9.82
N LEU A 480 -11.85 5.84 10.25
CA LEU A 480 -11.05 4.60 10.13
C LEU A 480 -10.86 4.22 8.66
N LEU A 481 -11.73 4.68 7.76
CA LEU A 481 -11.70 4.31 6.31
C LEU A 481 -10.92 5.32 5.46
N ARG A 482 -10.43 6.42 6.06
CA ARG A 482 -9.76 7.54 5.33
C ARG A 482 -8.49 7.05 4.63
N PRO A 483 -7.68 6.16 5.23
CA PRO A 483 -6.54 5.56 4.53
C PRO A 483 -6.90 4.69 3.32
N PHE A 484 -8.11 4.13 3.28
CA PHE A 484 -8.56 3.11 2.30
C PHE A 484 -9.34 3.77 1.16
N LEU A 485 -10.36 4.57 1.51
CA LEU A 485 -11.32 5.21 0.57
C LEU A 485 -11.10 6.73 0.60
N THR A 486 -10.76 7.32 -0.55
CA THR A 486 -10.36 8.75 -0.70
C THR A 486 -11.60 9.65 -0.88
N HIS A 487 -12.74 9.11 -1.30
CA HIS A 487 -13.96 9.89 -1.65
C HIS A 487 -15.06 9.75 -0.59
N ALA A 488 -15.39 8.53 -0.18
CA ALA A 488 -16.59 8.22 0.65
C ALA A 488 -16.54 8.95 1.98
N PRO A 489 -15.44 8.88 2.78
CA PRO A 489 -15.40 9.55 4.08
C PRO A 489 -15.68 11.06 3.98
N LYS A 490 -15.03 11.72 3.01
CA LYS A 490 -15.24 13.16 2.70
C LYS A 490 -16.73 13.43 2.47
N GLU A 491 -17.34 12.64 1.57
CA GLU A 491 -18.77 12.75 1.18
C GLU A 491 -19.66 12.52 2.42
N ILE A 492 -19.29 11.61 3.31
CA ILE A 492 -20.11 11.28 4.51
C ILE A 492 -20.07 12.46 5.49
N PHE A 493 -18.88 13.05 5.74
CA PHE A 493 -18.71 14.27 6.57
C PHE A 493 -19.51 15.42 5.97
N GLU A 494 -19.46 15.55 4.64
CA GLU A 494 -20.18 16.58 3.84
C GLU A 494 -21.67 16.52 4.16
N GLN A 495 -22.32 15.38 3.91
CA GLN A 495 -23.79 15.19 4.05
C GLN A 495 -24.22 15.28 5.52
N LEU A 496 -23.36 14.84 6.45
CA LEU A 496 -23.61 14.93 7.91
C LEU A 496 -23.36 16.36 8.39
N ASN A 497 -22.59 17.14 7.61
CA ASN A 497 -22.22 18.55 7.93
C ASN A 497 -21.31 18.54 9.16
N ILE A 498 -20.29 17.68 9.15
CA ILE A 498 -19.15 17.70 10.10
C ILE A 498 -18.00 18.44 9.42
N ASN A 499 -17.70 19.66 9.86
CA ASN A 499 -16.76 20.60 9.20
C ASN A 499 -15.47 20.72 10.03
N ASN A 500 -15.56 20.62 11.36
CA ASN A 500 -14.38 20.62 12.29
C ASN A 500 -13.40 19.54 11.83
N PRO A 501 -12.22 19.90 11.26
CA PRO A 501 -11.30 18.91 10.72
C PRO A 501 -10.70 17.98 11.79
N GLN A 502 -10.68 18.41 13.05
CA GLN A 502 -10.22 17.62 14.22
C GLN A 502 -11.06 16.32 14.33
N PHE A 503 -12.34 16.38 13.97
CA PHE A 503 -13.31 15.26 14.11
C PHE A 503 -13.14 14.25 12.96
N MET A 504 -12.21 14.50 12.03
CA MET A 504 -11.88 13.58 10.90
C MET A 504 -10.55 12.85 11.18
N GLU A 505 -10.01 12.99 12.39
CA GLU A 505 -8.65 12.50 12.77
C GLU A 505 -8.77 11.43 13.85
N PHE A 506 -7.76 10.55 13.95
CA PHE A 506 -7.74 9.39 14.88
C PHE A 506 -7.93 9.84 16.33
N SER A 507 -7.32 10.95 16.73
CA SER A 507 -7.33 11.47 18.13
C SER A 507 -8.76 11.70 18.61
N SER A 508 -9.68 12.01 17.68
CA SER A 508 -11.11 12.32 17.97
C SER A 508 -11.93 11.04 18.23
N LEU A 509 -11.32 9.86 18.14
CA LEU A 509 -11.98 8.54 18.39
C LEU A 509 -11.67 8.05 19.82
N GLU A 510 -10.82 8.76 20.57
CA GLU A 510 -10.41 8.36 21.94
C GLU A 510 -11.62 8.39 22.87
N GLN A 511 -12.46 9.41 22.78
CA GLN A 511 -13.69 9.57 23.60
C GLN A 511 -14.91 9.62 22.68
N TYR A 512 -15.82 8.65 22.84
CA TYR A 512 -17.09 8.54 22.07
C TYR A 512 -18.03 9.69 22.46
N GLY A 513 -18.53 10.43 21.47
CA GLY A 513 -19.60 11.43 21.64
C GLY A 513 -19.07 12.85 21.58
N VAL A 514 -18.39 13.21 20.49
CA VAL A 514 -17.68 14.51 20.31
C VAL A 514 -18.68 15.60 19.90
N LEU A 515 -19.84 15.23 19.33
CA LEU A 515 -20.85 16.20 18.79
C LEU A 515 -21.87 16.53 19.89
N ASN A 516 -21.49 17.37 20.85
CA ASN A 516 -22.39 17.83 21.96
C ASN A 516 -22.98 19.21 21.61
N GLU A 517 -23.00 19.56 20.32
CA GLU A 517 -23.68 20.75 19.75
C GLU A 517 -24.67 20.27 18.69
N SER A 518 -25.87 20.88 18.62
CA SER A 518 -26.86 20.67 17.53
C SER A 518 -26.18 20.94 16.19
N ILE A 519 -26.44 20.08 15.19
CA ILE A 519 -25.85 20.15 13.82
C ILE A 519 -26.97 19.93 12.80
N MET A 520 -26.96 20.70 11.71
CA MET A 520 -27.92 20.54 10.59
C MET A 520 -27.27 19.66 9.51
N VAL A 521 -27.82 18.46 9.30
CA VAL A 521 -27.38 17.49 8.25
C VAL A 521 -28.02 17.94 6.92
N THR A 522 -27.54 17.40 5.79
CA THR A 522 -28.05 17.71 4.43
C THR A 522 -29.54 17.37 4.37
N GLY A 523 -30.34 18.21 3.69
CA GLY A 523 -31.76 17.98 3.39
C GLY A 523 -31.95 17.28 2.05
N GLN A 524 -30.85 17.08 1.32
CA GLN A 524 -30.81 16.37 0.01
C GLN A 524 -29.76 15.27 0.06
N PRO A 525 -29.96 14.21 0.90
CA PRO A 525 -29.02 13.09 0.93
C PRO A 525 -29.04 12.33 -0.41
N LYS A 526 -27.85 11.94 -0.88
CA LYS A 526 -27.67 11.21 -2.17
C LYS A 526 -26.76 10.01 -1.91
N PRO A 527 -26.70 9.03 -2.85
CA PRO A 527 -25.88 7.84 -2.64
C PRO A 527 -24.41 8.22 -2.45
N ILE A 528 -23.77 7.70 -1.41
CA ILE A 528 -22.32 7.91 -1.10
C ILE A 528 -21.48 7.25 -2.20
N PHE A 529 -21.93 6.09 -2.69
CA PHE A 529 -21.28 5.30 -3.78
C PHE A 529 -22.18 5.36 -5.01
N PRO A 530 -21.66 5.17 -6.25
CA PRO A 530 -20.32 4.67 -6.50
C PRO A 530 -19.22 5.75 -6.46
PG ATP B . 5.85 -10.68 -15.22
O1G ATP B . 4.42 -11.10 -15.40
O2G ATP B . 6.55 -10.29 -16.54
O3G ATP B . 6.69 -11.71 -14.44
PB ATP B . 5.08 -8.97 -13.04
O1B ATP B . 3.64 -9.17 -13.31
O2B ATP B . 5.69 -9.74 -11.86
O3B ATP B . 5.92 -9.36 -14.32
PA ATP B . 6.74 -6.66 -12.28
O1A ATP B . 6.89 -5.33 -12.90
O2A ATP B . 7.94 -7.62 -12.44
O3A ATP B . 5.46 -7.44 -12.83
O5' ATP B . 6.53 -6.47 -10.70
C5' ATP B . 6.14 -7.50 -9.76
C4' ATP B . 5.58 -6.82 -8.54
O4' ATP B . 4.31 -6.20 -8.86
C3' ATP B . 5.30 -7.76 -7.36
O3' ATP B . 6.43 -7.87 -6.52
C2' ATP B . 4.10 -7.08 -6.71
O2' ATP B . 4.49 -5.89 -6.02
C1' ATP B . 3.33 -6.67 -7.96
N9 ATP B . 2.59 -7.76 -8.60
C8 ATP B . 2.70 -8.16 -9.91
N7 ATP B . 1.94 -9.16 -10.24
C5 ATP B . 1.26 -9.45 -9.06
C6 ATP B . 0.24 -10.37 -8.75
N6 ATP B . -0.27 -11.24 -9.64
N1 ATP B . -0.27 -10.36 -7.50
C2 ATP B . 0.22 -9.49 -6.61
N3 ATP B . 1.18 -8.57 -6.79
C4 ATP B . 1.66 -8.60 -8.04
C1 XM0 C . 19.33 -5.10 -16.86
C2 XM0 C . 19.07 -4.06 -15.99
C3 XM0 C . 17.88 -4.01 -15.27
C4 XM0 C . 16.95 -5.03 -15.44
C5 XM0 C . 17.21 -6.09 -16.29
C6 XM0 C . 18.40 -6.11 -17.01
C7 XM0 C . 16.11 -7.12 -16.22
C8 XM0 C . 14.95 -6.37 -15.56
C9 XM0 C . 15.57 -5.15 -14.85
N10 XM0 C . 14.28 -7.21 -14.56
C1 EDO D . 13.65 7.42 12.23
O1 EDO D . 12.38 7.25 11.60
C2 EDO D . 14.12 8.83 12.21
O2 EDO D . 13.10 9.77 12.49
C1 EDO E . 13.14 -3.35 -6.73
O1 EDO E . 12.16 -2.41 -6.32
C2 EDO E . 12.65 -4.27 -7.77
O2 EDO E . 12.43 -5.60 -7.31
C1 EDO F . 15.99 -9.14 -19.21
O1 EDO F . 15.33 -8.14 -19.96
C2 EDO F . 16.32 -10.36 -19.98
O2 EDO F . 16.93 -11.37 -19.20
C1 EDO G . 35.61 4.78 -4.46
O1 EDO G . 35.65 3.80 -3.45
C2 EDO G . 35.08 4.29 -5.76
O2 EDO G . 35.90 4.55 -6.90
C1 GOL H . 19.19 6.80 -20.32
O1 GOL H . 18.70 7.67 -19.29
C2 GOL H . 19.94 5.63 -19.75
O2 GOL H . 19.05 4.82 -18.97
C3 GOL H . 20.61 4.76 -20.79
O3 GOL H . 20.45 3.38 -20.48
#